data_1HIN
#
_entry.id   1HIN
#
_cell.length_a   63.500
_cell.length_b   73.400
_cell.length_c   62.700
_cell.angle_alpha   90.00
_cell.angle_beta   117.10
_cell.angle_gamma   90.00
#
_symmetry.space_group_name_H-M   'P 1 21 1'
#
loop_
_entity.id
_entity.type
_entity.pdbx_description
1 polymer 'IGG2A-KAPPA 17/9 FAB (LIGHT CHAIN)'
2 polymer 'IGG2A-KAPPA 17/9 FAB (HEAVY CHAIN)'
3 polymer 'INFLUENZA HEMAGGLUTININ HA1 (STRAIN X47) (RESIDUES 100-107)'
4 water water
#
loop_
_entity_poly.entity_id
_entity_poly.type
_entity_poly.pdbx_seq_one_letter_code
_entity_poly.pdbx_strand_id
1 'polypeptide(L)'
;DIVMTQSPSSLTVTAGEKVTMSCTSSQSLFNSGKQKNYLTWYQQKPGQPPKVLIYWASTRESGVPDRFTGSGSGTDFTLT
ISSVQAEDLAVYYCQNDYSNPLTFGGGTKLELKRADAAPTVSIFPPSSEQLTSGGASVVCFLNNFYPKDINVKWKIDGSE
RQNGVLNSWTDQDSKDSTYSMSSTLTLTKDEYERHNSYTCEATHKTSTSPIVKSFNR
;
L
2 'polypeptide(L)'
;EVQLVESGGDLVKPGGSLKLSCAASGFSFSSYGMSWVRQTPDKRLEWVATISNGGGYTYYPDSVKGRFTISRDNAKNTLY
LQMSSLKSEDSAMYYCARRERYDENGFAYWGQGTLVTVSAAKTTAPSVYPLAPVCGDTTGSSVTLGCLVKGYFPEPVTLT
WNSGSLSSGVHTFPAVLQSDLYTLSSSVTVTSSTWPSQSITCNVAHPASSTKVDKKIEPR
;
H
3 'polypeptide(L)' YDVPDYAS P
#
# COMPACT_ATOMS: atom_id res chain seq x y z
N ASP A 1 12.49 22.21 -1.51
CA ASP A 1 12.48 20.87 -1.03
C ASP A 1 13.90 20.33 -1.12
N ILE A 2 14.36 19.60 -0.11
CA ILE A 2 15.67 18.96 -0.14
C ILE A 2 15.25 17.54 -0.52
N VAL A 3 15.80 16.97 -1.56
CA VAL A 3 15.19 15.76 -2.07
C VAL A 3 16.03 14.56 -1.74
N MET A 4 15.24 13.69 -1.08
CA MET A 4 15.63 12.41 -0.55
C MET A 4 15.37 11.32 -1.55
N THR A 5 16.38 10.55 -1.82
CA THR A 5 16.20 9.48 -2.77
C THR A 5 16.49 8.19 -2.04
N GLN A 6 15.49 7.31 -2.02
CA GLN A 6 15.80 6.02 -1.46
C GLN A 6 16.03 4.94 -2.49
N SER A 7 17.06 4.14 -2.20
CA SER A 7 17.31 2.94 -2.97
C SER A 7 17.78 1.72 -2.12
N PRO A 8 17.43 0.50 -2.56
CA PRO A 8 16.59 0.25 -3.76
C PRO A 8 15.15 0.17 -3.35
N SER A 9 14.16 0.24 -4.25
CA SER A 9 12.76 0.16 -3.83
C SER A 9 12.58 -1.10 -3.01
N SER A 10 13.38 -2.13 -3.32
CA SER A 10 13.39 -3.34 -2.53
C SER A 10 14.79 -3.91 -2.39
N LEU A 11 14.86 -4.88 -1.48
CA LEU A 11 16.08 -5.62 -1.16
C LEU A 11 15.70 -6.99 -0.62
N THR A 12 16.14 -8.03 -1.33
CA THR A 12 15.98 -9.38 -0.83
C THR A 12 17.01 -9.61 0.25
N VAL A 13 16.78 -10.64 1.04
CA VAL A 13 17.52 -10.79 2.26
C VAL A 13 17.29 -12.20 2.76
N THR A 14 18.33 -12.91 3.16
CA THR A 14 18.14 -14.18 3.85
C THR A 14 18.02 -13.81 5.33
N ALA A 15 18.39 -14.53 6.36
CA ALA A 15 18.13 -14.11 7.75
C ALA A 15 19.38 -14.35 8.55
N GLY A 16 19.66 -13.43 9.44
CA GLY A 16 20.91 -13.44 10.12
C GLY A 16 21.98 -12.87 9.20
N GLU A 17 21.56 -12.04 8.23
CA GLU A 17 22.49 -11.49 7.27
C GLU A 17 22.39 -10.01 7.31
N LYS A 18 23.57 -9.43 7.15
CA LYS A 18 23.83 -8.02 7.12
C LYS A 18 23.20 -7.36 5.87
N VAL A 19 22.41 -6.33 6.11
CA VAL A 19 21.80 -5.60 5.02
C VAL A 19 22.09 -4.13 5.23
N THR A 20 22.38 -3.44 4.16
CA THR A 20 22.59 -2.00 4.14
C THR A 20 21.58 -1.44 3.16
N MET A 21 21.15 -0.20 3.33
CA MET A 21 20.15 0.43 2.51
C MET A 21 20.60 1.89 2.34
N SER A 22 20.10 2.61 1.33
CA SER A 22 20.60 3.96 1.17
C SER A 22 19.53 5.01 1.02
N CYS A 23 20.03 6.23 1.17
CA CYS A 23 19.30 7.46 1.00
C CYS A 23 20.35 8.46 0.56
N THR A 24 19.93 9.51 -0.13
CA THR A 24 20.81 10.60 -0.52
C THR A 24 19.97 11.87 -0.58
N SER A 25 20.71 12.96 -0.45
CA SER A 25 20.21 14.32 -0.48
C SER A 25 20.79 15.17 -1.65
N SER A 26 20.06 16.20 -2.11
CA SER A 26 20.56 17.17 -3.10
C SER A 26 21.56 18.11 -2.35
N GLN A 27 21.00 18.68 -1.30
CA GLN A 27 21.78 19.44 -0.37
C GLN A 27 22.23 18.52 0.72
N SER A 28 22.97 19.10 1.65
CA SER A 28 23.50 18.43 2.80
C SER A 28 22.63 18.71 4.03
N LEU A 29 22.67 17.85 5.02
CA LEU A 29 21.84 17.95 6.19
C LEU A 29 22.57 18.37 7.48
N PHE A 30 23.84 18.62 7.33
CA PHE A 30 24.70 18.81 8.41
C PHE A 30 24.84 20.22 8.76
N ASN A 31 24.54 20.49 9.99
CA ASN A 31 24.83 21.80 10.52
C ASN A 31 26.05 21.71 11.42
N SER A 32 26.75 22.82 11.42
CA SER A 32 27.86 22.99 12.34
C SER A 32 27.34 23.34 13.73
N GLY A 33 26.27 24.15 13.81
CA GLY A 33 25.77 24.65 15.08
C GLY A 33 25.78 23.62 16.20
N LYS A 34 24.96 22.57 15.98
CA LYS A 34 24.79 21.48 16.93
C LYS A 34 25.84 20.42 16.68
N GLN A 35 26.25 20.17 15.40
CA GLN A 35 27.26 19.21 14.98
C GLN A 35 26.63 17.92 14.58
N LYS A 36 25.56 18.00 13.78
CA LYS A 36 24.80 16.81 13.43
C LYS A 36 24.16 16.95 12.04
N ASN A 37 24.22 15.83 11.30
CA ASN A 37 23.53 15.63 10.04
C ASN A 37 22.12 15.32 10.46
N TYR A 38 21.06 16.04 10.09
CA TYR A 38 19.76 15.61 10.59
C TYR A 38 18.96 14.78 9.63
N LEU A 39 19.41 13.51 9.52
CA LEU A 39 18.78 12.46 8.72
C LEU A 39 18.35 11.39 9.68
N THR A 40 17.05 11.28 9.80
CA THR A 40 16.40 10.34 10.70
C THR A 40 15.89 9.13 9.90
N TRP A 41 16.17 7.86 10.30
CA TRP A 41 15.65 6.66 9.64
C TRP A 41 14.38 6.14 10.27
N TYR A 42 13.39 5.74 9.49
CA TYR A 42 12.13 5.22 10.04
C TYR A 42 11.88 3.78 9.61
N GLN A 43 11.04 3.02 10.34
CA GLN A 43 10.67 1.66 9.93
C GLN A 43 9.18 1.54 9.95
N GLN A 44 8.60 0.78 9.04
CA GLN A 44 7.16 0.69 8.99
C GLN A 44 6.63 -0.74 8.75
N LYS A 45 5.51 -1.10 9.36
CA LYS A 45 4.87 -2.39 9.15
C LYS A 45 3.44 -2.04 8.82
N PRO A 46 2.70 -2.79 7.96
CA PRO A 46 1.29 -2.57 7.62
C PRO A 46 0.52 -2.50 8.91
N GLY A 47 -0.46 -1.61 8.93
CA GLY A 47 -1.14 -1.30 10.19
C GLY A 47 -0.37 -0.24 10.99
N GLN A 48 0.97 -0.40 11.08
CA GLN A 48 1.83 0.43 11.88
C GLN A 48 2.40 1.69 11.25
N PRO A 49 2.19 2.84 11.99
CA PRO A 49 2.69 4.17 11.75
C PRO A 49 4.19 3.98 11.75
N PRO A 50 4.98 4.64 10.93
CA PRO A 50 6.41 4.38 10.99
C PRO A 50 7.08 4.69 12.37
N LYS A 51 8.21 4.07 12.73
CA LYS A 51 8.90 4.57 13.89
C LYS A 51 10.40 4.81 13.73
N VAL A 52 10.87 5.68 14.62
CA VAL A 52 12.25 6.12 14.61
C VAL A 52 13.16 5.00 15.06
N LEU A 53 14.05 4.64 14.17
CA LEU A 53 15.12 3.76 14.56
C LEU A 53 16.30 4.67 14.81
N ILE A 54 17.05 5.13 13.80
CA ILE A 54 18.17 6.06 14.00
C ILE A 54 17.84 7.55 13.79
N TYR A 55 18.37 8.50 14.52
CA TYR A 55 18.21 9.92 14.24
C TYR A 55 19.61 10.50 14.13
N TRP A 56 19.81 11.64 13.49
CA TRP A 56 21.14 12.22 13.26
C TRP A 56 22.10 11.20 12.69
N ALA A 57 21.66 10.53 11.64
CA ALA A 57 22.47 9.63 10.81
C ALA A 57 22.95 8.29 11.37
N SER A 58 23.30 8.39 12.65
CA SER A 58 24.17 7.51 13.30
C SER A 58 23.57 7.09 14.62
N THR A 59 22.72 7.90 15.24
CA THR A 59 22.31 7.65 16.60
C THR A 59 20.94 6.99 16.80
N ARG A 60 21.04 5.71 17.20
CA ARG A 60 19.97 4.76 17.47
C ARG A 60 19.00 5.19 18.55
N GLU A 61 17.73 4.88 18.31
CA GLU A 61 16.70 5.20 19.24
C GLU A 61 16.71 4.32 20.47
N SER A 62 15.94 4.72 21.49
CA SER A 62 15.77 3.92 22.69
C SER A 62 14.93 2.74 22.29
N GLY A 63 15.48 1.56 22.51
CA GLY A 63 14.78 0.34 22.23
C GLY A 63 15.31 -0.20 20.94
N VAL A 64 15.83 0.56 19.97
CA VAL A 64 16.16 0.00 18.65
C VAL A 64 17.25 -1.04 18.80
N PRO A 65 16.99 -2.32 18.46
CA PRO A 65 17.94 -3.44 18.60
C PRO A 65 19.34 -3.20 18.00
N ASP A 66 20.45 -3.34 18.72
CA ASP A 66 21.83 -3.00 18.28
C ASP A 66 22.36 -3.49 16.92
N ARG A 67 21.62 -4.32 16.20
CA ARG A 67 21.95 -4.69 14.82
C ARG A 67 21.84 -3.44 13.91
N PHE A 68 20.91 -2.57 14.34
CA PHE A 68 20.63 -1.32 13.69
C PHE A 68 21.72 -0.28 13.96
N THR A 69 22.67 -0.14 13.06
CA THR A 69 23.78 0.80 13.11
C THR A 69 23.46 1.97 12.17
N GLY A 70 23.78 3.19 12.59
CA GLY A 70 23.71 4.32 11.67
C GLY A 70 25.04 4.69 10.99
N SER A 71 24.92 5.43 9.88
CA SER A 71 26.01 6.02 9.11
C SER A 71 25.47 6.82 7.90
N GLY A 72 26.40 7.39 7.14
CA GLY A 72 26.06 8.33 6.11
C GLY A 72 26.19 9.73 6.72
N SER A 73 26.69 10.67 5.93
CA SER A 73 27.01 12.00 6.40
C SER A 73 27.17 12.98 5.23
N GLY A 74 26.41 14.05 5.22
CA GLY A 74 26.53 15.07 4.19
C GLY A 74 25.38 14.88 3.23
N THR A 75 25.68 14.09 2.20
CA THR A 75 24.75 13.85 1.13
C THR A 75 24.46 12.36 0.80
N ASP A 76 25.41 11.40 0.78
CA ASP A 76 24.99 9.98 0.74
C ASP A 76 25.01 9.38 2.18
N PHE A 77 24.03 8.52 2.46
CA PHE A 77 23.71 7.94 3.77
C PHE A 77 23.33 6.46 3.65
N THR A 78 23.44 5.72 4.78
CA THR A 78 23.33 4.25 4.85
C THR A 78 22.46 3.73 6.02
N LEU A 79 21.67 2.65 5.92
CA LEU A 79 20.98 2.05 7.07
C LEU A 79 21.39 0.58 7.09
N THR A 80 21.97 0.10 8.18
CA THR A 80 22.67 -1.17 8.16
C THR A 80 22.17 -2.12 9.23
N ILE A 81 21.41 -3.16 8.91
CA ILE A 81 21.05 -4.15 9.92
C ILE A 81 22.12 -5.24 9.97
N SER A 82 23.01 -5.34 10.96
CA SER A 82 23.97 -6.43 10.96
C SER A 82 23.42 -7.84 10.87
N SER A 83 22.18 -8.16 11.29
CA SER A 83 21.65 -9.50 11.23
C SER A 83 20.12 -9.52 11.25
N VAL A 84 19.52 -9.50 10.07
CA VAL A 84 18.07 -9.46 9.87
C VAL A 84 17.21 -10.66 10.36
N GLN A 85 16.03 -10.30 10.83
CA GLN A 85 15.12 -11.21 11.50
C GLN A 85 13.78 -11.06 10.79
N ALA A 86 12.88 -12.04 10.93
CA ALA A 86 11.52 -11.96 10.38
C ALA A 86 10.92 -10.60 10.73
N GLU A 87 11.00 -10.38 12.03
CA GLU A 87 10.60 -9.15 12.72
C GLU A 87 11.20 -7.83 12.11
N ASP A 88 12.17 -7.88 11.19
CA ASP A 88 12.78 -6.75 10.46
C ASP A 88 12.35 -6.52 9.01
N LEU A 89 11.60 -7.48 8.49
CA LEU A 89 11.06 -7.33 7.16
C LEU A 89 9.95 -6.30 7.22
N ALA A 90 10.27 -5.14 6.69
CA ALA A 90 9.41 -3.98 6.64
C ALA A 90 10.04 -2.94 5.71
N VAL A 91 9.23 -1.91 5.36
CA VAL A 91 9.66 -0.74 4.58
C VAL A 91 10.33 0.21 5.56
N TYR A 92 11.48 0.80 5.14
CA TYR A 92 12.32 1.74 5.90
C TYR A 92 12.42 3.05 5.14
N TYR A 93 12.22 4.21 5.78
CA TYR A 93 12.36 5.49 5.08
C TYR A 93 13.51 6.33 5.60
N CYS A 94 13.84 7.46 4.97
CA CYS A 94 14.86 8.37 5.48
C CYS A 94 14.30 9.75 5.39
N GLN A 95 14.83 10.72 6.10
CA GLN A 95 14.19 12.01 6.13
C GLN A 95 15.18 13.09 6.41
N ASN A 96 15.12 14.17 5.61
CA ASN A 96 15.74 15.46 5.93
C ASN A 96 14.99 15.96 7.17
N ASP A 97 15.58 15.94 8.34
CA ASP A 97 14.92 16.59 9.45
C ASP A 97 15.59 17.94 9.74
N TYR A 98 16.65 18.20 8.98
CA TYR A 98 17.50 19.37 9.04
C TYR A 98 16.80 20.67 8.77
N SER A 99 15.87 20.72 7.83
CA SER A 99 15.37 22.00 7.35
C SER A 99 14.08 21.86 6.61
N ASN A 100 13.19 22.81 6.75
CA ASN A 100 11.88 22.68 6.10
C ASN A 100 11.99 22.97 4.63
N PRO A 101 11.29 22.29 3.71
CA PRO A 101 10.33 21.22 3.95
C PRO A 101 10.95 19.89 4.32
N LEU A 102 10.36 19.32 5.35
CA LEU A 102 10.80 18.01 5.74
C LEU A 102 10.30 17.00 4.71
N THR A 103 11.32 16.47 4.07
CA THR A 103 11.15 15.54 2.99
C THR A 103 11.50 14.17 3.51
N PHE A 104 10.79 13.13 3.09
CA PHE A 104 11.21 11.76 3.41
C PHE A 104 11.72 11.05 2.10
N GLY A 105 12.44 9.92 2.17
CA GLY A 105 12.95 9.19 1.03
C GLY A 105 12.01 8.06 0.65
N GLY A 106 11.71 7.94 -0.65
CA GLY A 106 10.73 7.02 -1.26
C GLY A 106 10.41 5.64 -0.68
N GLY A 107 11.40 4.89 -0.21
CA GLY A 107 11.16 3.59 0.36
C GLY A 107 12.19 2.60 -0.10
N THR A 108 12.52 1.69 0.80
CA THR A 108 13.31 0.48 0.56
C THR A 108 12.52 -0.51 1.38
N LYS A 109 12.04 -1.57 0.71
CA LYS A 109 11.30 -2.64 1.34
C LYS A 109 12.10 -3.92 1.37
N LEU A 110 12.21 -4.42 2.59
CA LEU A 110 12.69 -5.75 2.82
C LEU A 110 11.60 -6.83 2.57
N GLU A 111 12.07 -7.83 1.80
CA GLU A 111 11.33 -8.97 1.36
C GLU A 111 12.40 -10.05 1.33
N LEU A 112 12.15 -11.20 1.96
CA LEU A 112 13.20 -12.22 2.13
C LEU A 112 13.32 -13.35 1.09
N LYS A 113 14.57 -13.74 0.81
CA LYS A 113 14.92 -14.84 -0.05
C LYS A 113 14.16 -16.12 0.29
N ARG A 114 13.84 -16.80 -0.81
CA ARG A 114 13.20 -18.11 -0.88
C ARG A 114 13.81 -18.79 -2.11
N ALA A 115 13.59 -20.06 -2.34
CA ALA A 115 14.09 -20.70 -3.53
C ALA A 115 13.12 -20.31 -4.60
N ASP A 116 13.67 -20.19 -5.81
CA ASP A 116 12.90 -20.07 -7.06
C ASP A 116 11.71 -21.00 -7.25
N ALA A 117 10.61 -20.40 -7.65
CA ALA A 117 9.41 -21.10 -8.04
C ALA A 117 8.85 -20.35 -9.22
N ALA A 118 8.18 -21.09 -10.10
CA ALA A 118 7.46 -20.53 -11.24
C ALA A 118 5.95 -20.49 -10.96
N PRO A 119 5.15 -19.59 -11.55
CA PRO A 119 3.70 -19.54 -11.31
C PRO A 119 2.74 -20.66 -11.81
N THR A 120 1.61 -20.80 -11.13
CA THR A 120 0.59 -21.69 -11.58
C THR A 120 -0.45 -20.74 -12.12
N VAL A 121 -0.25 -20.45 -13.40
CA VAL A 121 -1.11 -19.58 -14.17
C VAL A 121 -2.48 -20.26 -14.35
N SER A 122 -3.56 -19.49 -14.41
CA SER A 122 -4.86 -20.09 -14.51
C SER A 122 -5.71 -19.05 -15.20
N ILE A 123 -6.37 -19.35 -16.30
CA ILE A 123 -7.11 -18.39 -17.08
C ILE A 123 -8.58 -18.64 -16.87
N PHE A 124 -9.42 -17.61 -16.95
CA PHE A 124 -10.83 -17.76 -16.68
C PHE A 124 -11.59 -16.88 -17.65
N PRO A 125 -12.60 -17.42 -18.33
CA PRO A 125 -13.47 -16.66 -19.23
C PRO A 125 -14.40 -15.74 -18.44
N PRO A 126 -14.98 -14.65 -19.02
CA PRO A 126 -15.91 -13.70 -18.39
C PRO A 126 -17.06 -14.48 -17.87
N SER A 127 -17.60 -14.25 -16.67
CA SER A 127 -18.68 -15.14 -16.27
C SER A 127 -19.82 -14.84 -17.23
N SER A 128 -20.69 -15.80 -17.56
CA SER A 128 -21.76 -15.48 -18.51
C SER A 128 -22.53 -14.23 -18.04
N GLU A 129 -22.87 -14.26 -16.73
CA GLU A 129 -23.50 -13.20 -15.97
C GLU A 129 -22.92 -11.80 -16.32
N GLN A 130 -21.60 -11.73 -16.47
CA GLN A 130 -20.96 -10.52 -16.95
C GLN A 130 -21.49 -10.20 -18.34
N LEU A 131 -21.24 -11.10 -19.34
CA LEU A 131 -21.66 -10.92 -20.73
C LEU A 131 -23.13 -10.55 -20.92
N THR A 132 -24.01 -11.06 -20.08
CA THR A 132 -25.44 -10.70 -20.05
C THR A 132 -25.66 -9.20 -19.71
N SER A 133 -24.61 -8.43 -19.44
CA SER A 133 -24.72 -7.00 -19.11
C SER A 133 -23.99 -6.16 -20.16
N GLY A 134 -23.20 -6.86 -20.99
CA GLY A 134 -22.46 -6.18 -22.00
C GLY A 134 -20.98 -6.00 -21.73
N GLY A 135 -20.36 -6.74 -20.80
CA GLY A 135 -18.93 -6.59 -20.57
C GLY A 135 -18.24 -7.92 -20.61
N ALA A 136 -16.92 -8.07 -20.77
CA ALA A 136 -16.29 -9.39 -20.78
C ALA A 136 -14.83 -9.41 -20.36
N SER A 137 -14.58 -9.66 -19.08
CA SER A 137 -13.27 -9.64 -18.46
C SER A 137 -12.64 -11.02 -18.40
N VAL A 138 -11.44 -11.24 -18.92
CA VAL A 138 -10.81 -12.54 -18.80
C VAL A 138 -9.84 -12.46 -17.61
N VAL A 139 -10.00 -13.34 -16.58
CA VAL A 139 -9.13 -13.34 -15.42
C VAL A 139 -8.05 -14.39 -15.50
N CYS A 140 -6.82 -13.97 -15.45
CA CYS A 140 -5.77 -14.92 -15.46
C CYS A 140 -5.09 -14.67 -14.14
N PHE A 141 -5.36 -15.57 -13.18
CA PHE A 141 -4.64 -15.65 -11.91
C PHE A 141 -3.24 -16.21 -12.17
N LEU A 142 -2.29 -16.00 -11.28
CA LEU A 142 -0.92 -16.37 -11.57
C LEU A 142 -0.26 -16.61 -10.22
N ASN A 143 -0.14 -17.85 -9.77
CA ASN A 143 0.16 -17.99 -8.37
C ASN A 143 1.43 -18.65 -7.94
N ASN A 144 1.85 -18.20 -6.79
CA ASN A 144 2.90 -18.79 -6.02
C ASN A 144 4.30 -18.72 -6.60
N PHE A 145 4.52 -17.87 -7.61
CA PHE A 145 5.86 -17.66 -8.11
C PHE A 145 6.75 -17.02 -7.04
N TYR A 146 8.05 -17.08 -7.25
CA TYR A 146 9.02 -16.30 -6.53
C TYR A 146 10.21 -16.35 -7.52
N PRO A 147 10.95 -15.29 -7.90
CA PRO A 147 10.82 -13.90 -7.48
C PRO A 147 9.57 -13.11 -7.86
N LYS A 148 9.58 -11.83 -7.58
CA LYS A 148 8.52 -10.97 -8.02
C LYS A 148 8.75 -10.60 -9.48
N ASP A 149 9.97 -10.63 -10.04
CA ASP A 149 10.13 -10.21 -11.45
C ASP A 149 9.44 -11.14 -12.44
N ILE A 150 8.24 -10.75 -12.90
CA ILE A 150 7.42 -11.48 -13.87
C ILE A 150 6.77 -10.59 -14.98
N ASN A 151 6.70 -11.05 -16.26
CA ASN A 151 5.78 -10.45 -17.25
C ASN A 151 4.46 -11.24 -17.24
N VAL A 152 3.44 -10.75 -17.94
CA VAL A 152 2.20 -11.45 -18.26
C VAL A 152 1.85 -10.75 -19.58
N LYS A 153 1.36 -11.41 -20.61
CA LYS A 153 1.13 -10.68 -21.84
C LYS A 153 -0.16 -11.16 -22.41
N TRP A 154 -1.16 -10.32 -22.48
CA TRP A 154 -2.36 -10.83 -23.05
C TRP A 154 -2.23 -10.73 -24.55
N LYS A 155 -2.95 -11.62 -25.22
CA LYS A 155 -2.90 -11.80 -26.64
C LYS A 155 -4.23 -12.34 -27.10
N ILE A 156 -4.91 -11.64 -27.97
CA ILE A 156 -6.15 -12.12 -28.54
C ILE A 156 -5.89 -12.67 -29.94
N ASP A 157 -5.91 -14.01 -30.07
CA ASP A 157 -5.78 -14.69 -31.36
C ASP A 157 -4.37 -14.53 -31.91
N GLY A 158 -3.38 -14.60 -31.03
CA GLY A 158 -1.98 -14.42 -31.42
C GLY A 158 -1.58 -12.92 -31.47
N SER A 159 -2.48 -12.01 -31.73
CA SER A 159 -2.03 -10.65 -31.75
C SER A 159 -1.91 -10.18 -30.33
N GLU A 160 -0.95 -9.32 -30.06
CA GLU A 160 -0.67 -8.87 -28.71
C GLU A 160 -1.71 -7.92 -28.28
N ARG A 161 -1.80 -7.71 -26.99
CA ARG A 161 -2.84 -6.92 -26.41
C ARG A 161 -2.29 -6.11 -25.24
N GLN A 162 -2.79 -4.85 -25.24
CA GLN A 162 -2.51 -3.97 -24.14
C GLN A 162 -3.69 -3.19 -23.54
N ASN A 163 -4.56 -2.57 -24.30
CA ASN A 163 -5.56 -1.74 -23.63
C ASN A 163 -6.62 -2.60 -22.99
N GLY A 164 -6.89 -2.34 -21.72
CA GLY A 164 -7.90 -3.08 -20.98
C GLY A 164 -7.32 -4.11 -20.02
N VAL A 165 -5.99 -4.16 -19.76
CA VAL A 165 -5.38 -5.04 -18.75
C VAL A 165 -5.18 -4.24 -17.44
N LEU A 166 -5.84 -4.69 -16.35
CA LEU A 166 -5.61 -4.14 -15.02
C LEU A 166 -4.97 -5.29 -14.27
N ASN A 167 -3.99 -5.01 -13.43
CA ASN A 167 -3.25 -6.07 -12.75
C ASN A 167 -3.10 -5.91 -11.24
N SER A 168 -3.71 -6.70 -10.33
CA SER A 168 -3.34 -6.57 -8.91
C SER A 168 -2.26 -7.61 -8.61
N TRP A 169 -1.41 -7.32 -7.65
CA TRP A 169 -0.29 -8.17 -7.27
C TRP A 169 -0.30 -8.22 -5.74
N THR A 170 0.18 -9.26 -5.09
CA THR A 170 0.11 -9.29 -3.64
C THR A 170 1.46 -8.92 -3.09
N ASP A 171 1.55 -8.88 -1.78
CA ASP A 171 2.84 -8.81 -1.16
C ASP A 171 3.38 -10.25 -1.12
N GLN A 172 4.56 -10.40 -0.55
CA GLN A 172 5.20 -11.67 -0.27
C GLN A 172 4.36 -12.27 0.80
N ASP A 173 4.23 -13.58 0.76
CA ASP A 173 3.35 -14.24 1.67
C ASP A 173 4.17 -14.78 2.78
N SER A 174 3.61 -14.65 3.97
CA SER A 174 4.23 -15.00 5.23
C SER A 174 4.42 -16.50 5.50
N LYS A 175 3.54 -17.41 5.00
CA LYS A 175 3.70 -18.85 5.18
C LYS A 175 4.84 -19.40 4.33
N ASP A 176 4.88 -18.97 3.07
CA ASP A 176 5.80 -19.52 2.10
C ASP A 176 6.65 -18.56 1.27
N SER A 177 6.70 -17.23 1.49
CA SER A 177 7.54 -16.25 0.74
C SER A 177 7.34 -16.11 -0.83
N THR A 178 6.10 -16.26 -1.15
CA THR A 178 5.63 -16.40 -2.49
C THR A 178 4.90 -15.10 -2.78
N TYR A 179 4.80 -14.73 -4.09
CA TYR A 179 3.95 -13.65 -4.51
C TYR A 179 2.95 -14.26 -5.49
N SER A 180 1.91 -13.49 -5.76
CA SER A 180 0.87 -13.84 -6.72
C SER A 180 0.42 -12.61 -7.53
N MET A 181 -0.08 -12.85 -8.75
CA MET A 181 -0.51 -11.81 -9.67
C MET A 181 -1.86 -12.17 -10.25
N SER A 182 -2.67 -11.20 -10.58
CA SER A 182 -3.90 -11.41 -11.28
C SER A 182 -3.79 -10.38 -12.37
N SER A 183 -3.81 -10.85 -13.63
CA SER A 183 -3.92 -9.96 -14.76
C SER A 183 -5.33 -10.17 -15.28
N THR A 184 -6.04 -9.13 -15.68
CA THR A 184 -7.39 -9.29 -16.20
C THR A 184 -7.56 -8.33 -17.34
N LEU A 185 -8.07 -8.85 -18.48
CA LEU A 185 -8.31 -8.06 -19.68
C LEU A 185 -9.80 -7.85 -19.81
N THR A 186 -10.28 -6.63 -19.75
CA THR A 186 -11.71 -6.32 -19.83
C THR A 186 -11.98 -5.70 -21.17
N LEU A 187 -12.76 -6.44 -21.98
CA LEU A 187 -13.30 -6.03 -23.28
C LEU A 187 -14.81 -5.89 -23.11
N THR A 188 -15.51 -5.49 -24.19
CA THR A 188 -16.97 -5.41 -24.17
C THR A 188 -17.44 -6.77 -24.63
N LYS A 189 -18.72 -7.06 -24.58
CA LYS A 189 -19.20 -8.30 -25.15
C LYS A 189 -18.88 -8.33 -26.68
N ASP A 190 -19.16 -7.23 -27.40
CA ASP A 190 -18.98 -7.12 -28.84
C ASP A 190 -17.58 -7.45 -29.31
N GLU A 191 -16.56 -6.83 -28.72
CA GLU A 191 -15.21 -7.14 -29.13
C GLU A 191 -14.90 -8.55 -28.71
N TYR A 192 -15.41 -8.95 -27.55
CA TYR A 192 -15.14 -10.28 -27.06
C TYR A 192 -15.57 -11.36 -28.08
N GLU A 193 -16.75 -11.20 -28.67
CA GLU A 193 -17.25 -12.17 -29.63
C GLU A 193 -16.87 -11.96 -31.08
N ARG A 194 -16.10 -10.94 -31.46
CA ARG A 194 -15.50 -10.95 -32.77
C ARG A 194 -14.13 -11.60 -32.55
N HIS A 195 -13.96 -12.51 -31.61
CA HIS A 195 -12.63 -13.08 -31.32
C HIS A 195 -12.69 -14.54 -30.92
N ASN A 196 -11.53 -15.19 -30.87
CA ASN A 196 -11.60 -16.60 -30.60
C ASN A 196 -10.63 -17.11 -29.54
N SER A 197 -9.33 -17.15 -29.85
CA SER A 197 -8.33 -17.57 -28.89
C SER A 197 -8.12 -16.40 -27.98
N TYR A 198 -7.66 -16.71 -26.77
CA TYR A 198 -7.16 -15.70 -25.85
C TYR A 198 -5.96 -16.32 -25.14
N THR A 199 -4.93 -15.59 -24.78
CA THR A 199 -3.78 -16.10 -24.06
C THR A 199 -3.31 -15.05 -23.07
N CYS A 200 -2.78 -15.59 -21.99
CA CYS A 200 -2.02 -14.86 -21.02
C CYS A 200 -0.67 -15.58 -21.02
N GLU A 201 0.33 -14.98 -21.71
CA GLU A 201 1.71 -15.51 -21.78
C GLU A 201 2.51 -15.00 -20.54
N ALA A 202 3.50 -15.70 -20.02
CA ALA A 202 4.03 -15.34 -18.74
C ALA A 202 5.49 -15.56 -18.63
N THR A 203 6.28 -14.53 -18.37
CA THR A 203 7.69 -14.85 -18.27
C THR A 203 8.23 -14.57 -16.89
N HIS A 204 9.13 -15.46 -16.52
CA HIS A 204 9.68 -15.53 -15.20
C HIS A 204 11.11 -16.02 -15.32
N LYS A 205 11.87 -15.78 -14.24
CA LYS A 205 13.23 -16.26 -14.00
C LYS A 205 13.41 -17.77 -14.21
N THR A 206 12.40 -18.54 -13.80
CA THR A 206 12.34 -19.98 -13.93
C THR A 206 11.89 -20.47 -15.32
N SER A 207 10.89 -19.75 -15.87
CA SER A 207 10.37 -19.90 -17.21
C SER A 207 11.49 -19.83 -18.24
N THR A 208 11.99 -21.03 -18.61
CA THR A 208 13.03 -21.25 -19.63
C THR A 208 12.60 -20.55 -20.92
N SER A 209 11.29 -20.68 -21.13
CA SER A 209 10.48 -20.04 -22.12
C SER A 209 9.13 -19.72 -21.41
N PRO A 210 8.35 -18.79 -21.88
CA PRO A 210 7.07 -18.34 -21.34
C PRO A 210 5.85 -19.23 -21.22
N ILE A 211 5.33 -19.42 -20.00
CA ILE A 211 4.15 -20.24 -19.75
C ILE A 211 2.96 -19.52 -20.39
N VAL A 212 2.16 -20.22 -21.17
CA VAL A 212 1.02 -19.75 -21.93
C VAL A 212 -0.21 -20.38 -21.37
N LYS A 213 -1.27 -19.62 -21.21
CA LYS A 213 -2.53 -20.19 -20.81
C LYS A 213 -3.55 -19.68 -21.82
N SER A 214 -3.94 -20.47 -22.82
CA SER A 214 -4.93 -20.04 -23.78
C SER A 214 -6.25 -20.66 -23.42
N PHE A 215 -7.37 -19.97 -23.60
CA PHE A 215 -8.58 -20.74 -23.72
C PHE A 215 -8.95 -20.60 -25.21
N ASN A 216 -10.19 -20.47 -25.61
CA ASN A 216 -10.57 -20.37 -27.00
C ASN A 216 -12.07 -20.49 -26.86
N ARG A 217 -12.84 -19.61 -27.44
CA ARG A 217 -14.24 -19.91 -27.55
C ARG A 217 -14.46 -20.44 -29.00
N GLU B 1 2.25 7.27 28.79
CA GLU B 1 1.95 6.89 27.42
C GLU B 1 1.64 8.24 26.84
N VAL B 2 2.25 8.66 25.74
CA VAL B 2 1.84 9.88 25.05
C VAL B 2 0.72 9.34 24.13
N GLN B 3 -0.31 10.07 23.76
CA GLN B 3 -1.40 9.52 22.99
C GLN B 3 -1.80 10.62 22.05
N LEU B 4 -1.79 10.35 20.75
CA LEU B 4 -2.25 11.32 19.78
C LEU B 4 -3.34 10.56 19.05
N VAL B 5 -4.52 11.12 18.97
CA VAL B 5 -5.68 10.39 18.51
C VAL B 5 -6.41 11.30 17.48
N GLU B 6 -6.47 10.90 16.20
CA GLU B 6 -7.03 11.75 15.14
C GLU B 6 -8.51 11.56 14.76
N SER B 7 -9.15 12.61 14.27
CA SER B 7 -10.51 12.50 13.77
C SER B 7 -10.71 13.53 12.67
N GLY B 8 -11.71 13.35 11.80
CA GLY B 8 -12.10 14.31 10.79
C GLY B 8 -11.93 13.87 9.34
N GLY B 9 -11.05 12.91 9.05
CA GLY B 9 -10.76 12.48 7.69
C GLY B 9 -11.90 11.76 7.00
N ASP B 10 -12.77 12.45 6.31
CA ASP B 10 -13.89 11.83 5.63
C ASP B 10 -13.65 11.82 4.12
N LEU B 11 -14.68 11.33 3.42
CA LEU B 11 -14.76 11.29 1.99
C LEU B 11 -15.54 12.52 1.59
N VAL B 12 -14.80 13.56 1.21
CA VAL B 12 -15.45 14.79 0.76
C VAL B 12 -15.13 15.01 -0.73
N LYS B 13 -16.04 15.67 -1.44
CA LYS B 13 -15.89 15.98 -2.84
C LYS B 13 -14.72 16.95 -3.00
N PRO B 14 -13.95 16.93 -4.10
CA PRO B 14 -12.84 17.83 -4.31
C PRO B 14 -13.42 19.24 -4.43
N GLY B 15 -12.63 20.24 -4.06
CA GLY B 15 -13.15 21.57 -3.86
C GLY B 15 -13.73 21.72 -2.45
N GLY B 16 -14.05 20.66 -1.70
CA GLY B 16 -14.62 20.81 -0.35
C GLY B 16 -13.53 21.08 0.67
N SER B 17 -13.91 21.09 1.95
CA SER B 17 -12.99 21.30 3.08
C SER B 17 -13.16 20.18 4.10
N LEU B 18 -12.17 19.97 4.92
CA LEU B 18 -12.26 18.95 5.94
C LEU B 18 -11.48 19.46 7.12
N LYS B 19 -11.94 19.21 8.34
CA LYS B 19 -11.14 19.56 9.49
C LYS B 19 -10.69 18.31 10.21
N LEU B 20 -9.49 18.30 10.75
CA LEU B 20 -9.04 17.11 11.43
C LEU B 20 -8.62 17.48 12.83
N SER B 21 -8.88 16.66 13.84
CA SER B 21 -8.39 16.92 15.19
C SER B 21 -7.32 15.91 15.57
N CYS B 22 -6.48 16.15 16.57
CA CYS B 22 -5.51 15.20 17.09
C CYS B 22 -5.35 15.45 18.58
N ALA B 23 -5.65 14.46 19.43
CA ALA B 23 -5.63 14.60 20.90
C ALA B 23 -4.30 14.23 21.57
N ALA B 24 -3.78 14.98 22.59
CA ALA B 24 -2.46 14.68 23.20
C ALA B 24 -2.44 14.39 24.70
N SER B 25 -1.69 13.37 25.12
CA SER B 25 -1.57 13.00 26.54
C SER B 25 -0.11 12.73 26.87
N GLY B 26 0.22 12.44 28.13
CA GLY B 26 1.56 11.97 28.52
C GLY B 26 2.69 12.98 28.42
N PHE B 27 2.32 14.23 28.21
CA PHE B 27 3.23 15.31 28.12
C PHE B 27 2.34 16.56 28.24
N SER B 28 2.97 17.73 28.39
CA SER B 28 2.30 19.02 28.41
C SER B 28 2.42 19.49 26.97
N PHE B 29 1.27 19.47 26.29
CA PHE B 29 1.18 19.79 24.89
C PHE B 29 1.89 21.11 24.62
N SER B 30 1.53 22.10 25.44
CA SER B 30 2.15 23.42 25.45
C SER B 30 3.69 23.47 25.35
N SER B 31 4.46 22.41 25.61
CA SER B 31 5.92 22.47 25.65
C SER B 31 6.59 22.08 24.33
N TYR B 32 5.83 21.29 23.55
CA TYR B 32 6.22 20.65 22.31
C TYR B 32 5.39 21.17 21.14
N GLY B 33 5.90 21.02 19.94
CA GLY B 33 5.16 21.50 18.78
C GLY B 33 4.58 20.41 17.89
N MET B 34 3.41 20.67 17.32
CA MET B 34 2.82 19.60 16.54
C MET B 34 3.00 19.71 15.05
N SER B 35 3.01 18.58 14.35
CA SER B 35 3.05 18.53 12.92
C SER B 35 1.92 17.63 12.47
N TRP B 36 1.49 17.78 11.21
CA TRP B 36 0.59 16.86 10.52
C TRP B 36 1.34 16.17 9.39
N VAL B 37 1.21 14.88 9.10
CA VAL B 37 2.02 14.17 8.07
C VAL B 37 1.12 13.20 7.28
N ARG B 38 1.13 13.15 5.95
CA ARG B 38 0.20 12.28 5.28
C ARG B 38 0.96 11.18 4.65
N GLN B 39 0.35 10.03 4.59
CA GLN B 39 0.92 8.90 3.92
C GLN B 39 -0.02 8.68 2.76
N THR B 40 0.50 8.78 1.53
CA THR B 40 -0.28 8.59 0.32
C THR B 40 -0.50 7.12 0.01
N PRO B 41 -1.47 6.78 -0.84
CA PRO B 41 -1.83 5.43 -1.27
C PRO B 41 -0.68 4.53 -1.78
N ASP B 42 0.33 5.07 -2.46
CA ASP B 42 1.54 4.31 -2.85
C ASP B 42 2.59 4.30 -1.74
N LYS B 43 2.14 4.78 -0.59
CA LYS B 43 2.80 4.84 0.69
C LYS B 43 4.01 5.74 0.91
N ARG B 44 4.18 6.82 0.16
CA ARG B 44 5.24 7.77 0.53
C ARG B 44 4.57 8.69 1.50
N LEU B 45 5.26 9.10 2.56
CA LEU B 45 4.63 10.00 3.50
C LEU B 45 5.30 11.34 3.34
N GLU B 46 4.50 12.40 3.51
CA GLU B 46 4.93 13.77 3.23
C GLU B 46 4.40 14.78 4.23
N TRP B 47 5.29 15.61 4.79
CA TRP B 47 4.96 16.57 5.86
C TRP B 47 3.96 17.62 5.37
N VAL B 48 2.77 17.69 5.97
CA VAL B 48 1.67 18.62 5.60
C VAL B 48 1.78 20.08 6.14
N ALA B 49 2.16 20.26 7.40
CA ALA B 49 2.16 21.51 8.15
C ALA B 49 2.89 21.24 9.45
N THR B 50 3.63 22.18 10.06
CA THR B 50 4.28 22.08 11.38
C THR B 50 3.92 23.36 12.11
N ILE B 51 3.58 23.29 13.41
CA ILE B 51 3.34 24.49 14.23
C ILE B 51 4.44 24.52 15.29
N SER B 52 4.30 25.46 16.25
CA SER B 52 5.10 25.56 17.43
C SER B 52 4.19 25.25 18.62
N ASN B 53 4.74 25.33 19.84
CA ASN B 53 4.17 25.05 21.18
C ASN B 53 3.14 25.99 21.85
N GLY B 54 2.85 27.04 21.12
CA GLY B 54 1.84 27.97 21.62
C GLY B 54 1.15 28.61 20.42
N GLY B 55 1.95 28.66 19.32
CA GLY B 55 1.52 29.24 18.06
C GLY B 55 2.51 30.26 17.53
N GLY B 56 1.98 31.06 16.62
CA GLY B 56 2.80 32.01 15.91
C GLY B 56 3.35 31.24 14.72
N TYR B 57 4.57 30.72 14.92
CA TYR B 57 5.33 29.95 13.94
C TYR B 57 4.47 28.85 13.33
N THR B 58 4.00 29.04 12.13
CA THR B 58 3.17 28.11 11.40
C THR B 58 4.02 27.75 10.18
N TYR B 59 4.18 26.47 9.80
CA TYR B 59 5.03 26.09 8.67
C TYR B 59 4.31 25.12 7.76
N TYR B 60 4.43 25.21 6.45
CA TYR B 60 3.72 24.35 5.51
C TYR B 60 4.57 24.11 4.29
N PRO B 61 4.23 23.18 3.40
CA PRO B 61 4.93 23.06 2.16
C PRO B 61 4.09 23.91 1.21
N ASP B 62 4.65 24.05 0.03
CA ASP B 62 3.97 24.78 -1.03
C ASP B 62 2.79 24.03 -1.59
N SER B 63 2.74 22.72 -1.41
CA SER B 63 1.55 21.98 -1.78
C SER B 63 0.34 22.43 -0.98
N VAL B 64 0.49 23.16 0.12
CA VAL B 64 -0.50 23.15 1.19
C VAL B 64 -0.89 24.57 1.54
N LYS B 65 0.11 25.46 1.51
CA LYS B 65 -0.13 26.88 1.72
C LYS B 65 -1.36 27.34 0.91
N GLY B 66 -2.22 28.14 1.56
CA GLY B 66 -3.42 28.67 0.94
C GLY B 66 -4.64 27.87 1.41
N ARG B 67 -4.55 26.55 1.28
CA ARG B 67 -5.64 25.68 1.64
C ARG B 67 -5.60 25.24 3.10
N PHE B 68 -4.48 24.68 3.54
CA PHE B 68 -4.42 24.20 4.90
C PHE B 68 -3.75 25.15 5.91
N THR B 69 -4.27 25.04 7.15
CA THR B 69 -3.87 25.79 8.33
C THR B 69 -3.76 24.81 9.48
N ILE B 70 -2.68 24.86 10.27
CA ILE B 70 -2.45 24.04 11.47
C ILE B 70 -2.78 24.95 12.64
N SER B 71 -3.47 24.45 13.64
CA SER B 71 -3.94 25.25 14.77
C SER B 71 -3.53 24.60 16.08
N ARG B 72 -3.91 25.13 17.21
CA ARG B 72 -3.53 24.58 18.49
C ARG B 72 -4.68 24.92 19.41
N ASP B 73 -4.72 24.24 20.52
CA ASP B 73 -5.70 24.51 21.52
C ASP B 73 -5.04 23.95 22.75
N ASN B 74 -4.53 24.81 23.64
CA ASN B 74 -3.74 24.30 24.75
C ASN B 74 -4.54 23.90 25.98
N ALA B 75 -5.77 24.37 26.11
CA ALA B 75 -6.58 23.92 27.23
C ALA B 75 -7.34 22.68 26.78
N LYS B 76 -7.97 22.75 25.58
CA LYS B 76 -8.61 21.56 25.01
C LYS B 76 -7.52 20.59 24.61
N ASN B 77 -6.29 21.11 24.68
CA ASN B 77 -5.05 20.39 24.54
C ASN B 77 -5.01 19.46 23.33
N THR B 78 -5.54 20.06 22.24
CA THR B 78 -5.74 19.43 20.95
C THR B 78 -5.16 20.17 19.72
N LEU B 79 -4.65 19.40 18.78
CA LEU B 79 -4.08 19.90 17.53
C LEU B 79 -5.03 19.73 16.35
N TYR B 80 -5.23 20.77 15.49
CA TYR B 80 -6.11 20.65 14.33
C TYR B 80 -5.48 21.02 13.01
N LEU B 81 -5.70 20.27 11.92
CA LEU B 81 -5.41 20.79 10.58
C LEU B 81 -6.73 21.15 9.93
N GLN B 82 -6.93 22.43 9.60
CA GLN B 82 -8.06 22.85 8.76
C GLN B 82 -7.51 22.65 7.36
N MET B 83 -8.19 21.77 6.62
CA MET B 83 -7.83 21.51 5.26
C MET B 83 -8.96 22.12 4.47
N SER B 84 -8.69 22.74 3.37
CA SER B 84 -9.75 23.37 2.62
C SER B 84 -9.32 23.30 1.19
N SER B 85 -10.24 23.48 0.25
CA SER B 85 -9.98 23.35 -1.17
C SER B 85 -9.22 22.07 -1.48
N LEU B 86 -10.01 21.03 -1.50
CA LEU B 86 -9.39 19.75 -1.63
C LEU B 86 -9.25 19.25 -3.07
N LYS B 87 -8.01 18.99 -3.39
CA LYS B 87 -7.61 18.44 -4.65
C LYS B 87 -7.74 16.91 -4.49
N SER B 88 -7.84 16.01 -5.48
CA SER B 88 -7.93 14.55 -5.19
C SER B 88 -6.63 13.96 -4.66
N GLU B 89 -5.51 14.49 -5.13
CA GLU B 89 -4.16 14.09 -4.75
C GLU B 89 -3.82 14.32 -3.27
N ASP B 90 -4.69 15.07 -2.60
CA ASP B 90 -4.66 15.19 -1.15
C ASP B 90 -5.01 13.88 -0.45
N SER B 91 -5.76 13.00 -1.13
CA SER B 91 -6.16 11.74 -0.56
C SER B 91 -4.95 11.03 -0.01
N ALA B 92 -5.01 10.82 1.30
CA ALA B 92 -3.92 10.26 2.05
C ALA B 92 -4.46 9.99 3.42
N MET B 93 -3.69 9.28 4.20
CA MET B 93 -3.96 9.07 5.61
C MET B 93 -3.30 10.23 6.37
N TYR B 94 -3.91 10.93 7.33
CA TYR B 94 -3.20 12.04 8.01
C TYR B 94 -2.85 11.74 9.45
N TYR B 95 -1.60 11.76 9.71
CA TYR B 95 -1.08 11.45 11.02
C TYR B 95 -0.67 12.71 11.74
N CYS B 96 -0.85 12.82 13.04
CA CYS B 96 -0.34 13.98 13.72
C CYS B 96 0.79 13.34 14.47
N ALA B 97 2.00 13.65 14.05
CA ALA B 97 3.15 13.22 14.76
C ALA B 97 3.50 14.47 15.60
N ARG B 98 4.62 14.54 16.30
CA ARG B 98 4.94 15.70 17.11
C ARG B 98 6.42 15.92 16.97
N ARG B 99 6.74 17.14 17.31
CA ARG B 99 8.08 17.63 17.13
C ARG B 99 8.97 17.50 18.35
N GLU B 100 10.06 16.76 18.14
CA GLU B 100 10.87 16.54 19.29
C GLU B 100 11.91 17.57 19.56
N ARG B 101 11.33 18.42 20.42
CA ARG B 101 11.80 19.67 21.02
C ARG B 101 13.18 19.63 21.62
N TYR B 102 13.27 18.87 22.68
CA TYR B 102 14.46 18.89 23.48
C TYR B 102 15.56 18.12 22.83
N ASP B 103 15.14 17.08 22.16
CA ASP B 103 16.12 16.15 21.68
C ASP B 103 16.54 16.31 20.24
N GLU B 104 15.56 16.49 19.31
CA GLU B 104 15.79 16.63 17.89
C GLU B 104 16.00 15.23 17.34
N ASN B 105 14.94 14.56 17.02
CA ASN B 105 15.09 13.19 16.62
C ASN B 105 13.81 12.73 15.99
N GLY B 106 13.32 13.63 15.17
CA GLY B 106 12.24 13.26 14.35
C GLY B 106 10.92 13.36 15.05
N PHE B 107 10.15 12.41 14.51
CA PHE B 107 8.77 12.20 14.79
C PHE B 107 8.73 10.85 15.37
N ALA B 108 9.03 10.80 16.66
CA ALA B 108 9.02 9.54 17.33
C ALA B 108 7.65 9.21 17.90
N TYR B 109 6.67 10.10 17.86
CA TYR B 109 5.36 9.80 18.45
C TYR B 109 4.25 10.12 17.48
N TRP B 110 3.69 9.13 16.72
CA TRP B 110 2.58 9.37 15.75
C TRP B 110 1.23 8.85 16.25
N GLY B 111 0.16 9.64 16.12
CA GLY B 111 -1.17 9.11 16.35
C GLY B 111 -1.49 8.02 15.29
N GLN B 112 -2.69 7.40 15.20
CA GLN B 112 -2.83 6.41 14.15
C GLN B 112 -3.75 6.76 12.98
N GLY B 113 -3.39 7.94 12.43
CA GLY B 113 -3.95 8.46 11.21
C GLY B 113 -5.46 8.59 11.14
N THR B 114 -5.90 9.46 10.23
CA THR B 114 -7.28 9.71 9.93
C THR B 114 -7.23 9.90 8.42
N LEU B 115 -7.76 8.89 7.74
CA LEU B 115 -7.77 8.76 6.29
C LEU B 115 -8.62 9.79 5.59
N VAL B 116 -7.97 10.68 4.83
CA VAL B 116 -8.69 11.67 4.03
C VAL B 116 -8.74 11.22 2.60
N THR B 117 -9.99 11.11 2.14
CA THR B 117 -10.31 10.70 0.79
C THR B 117 -11.19 11.72 0.16
N VAL B 118 -10.64 12.27 -0.89
CA VAL B 118 -11.39 13.22 -1.64
C VAL B 118 -11.65 12.70 -3.09
N SER B 119 -12.93 12.49 -3.37
CA SER B 119 -13.38 12.02 -4.63
C SER B 119 -14.76 12.58 -4.98
N ALA B 120 -14.86 12.85 -6.26
CA ALA B 120 -16.12 13.23 -6.84
C ALA B 120 -16.88 11.92 -7.24
N ALA B 121 -16.24 10.74 -7.03
CA ALA B 121 -16.90 9.50 -7.36
C ALA B 121 -18.04 9.20 -6.39
N LYS B 122 -19.01 8.42 -6.80
CA LYS B 122 -20.13 8.18 -5.94
C LYS B 122 -20.28 6.69 -5.74
N THR B 123 -21.01 6.31 -4.71
CA THR B 123 -21.05 4.93 -4.30
C THR B 123 -21.83 4.05 -5.24
N THR B 124 -21.14 3.20 -6.00
CA THR B 124 -21.78 2.20 -6.83
C THR B 124 -21.40 0.86 -6.22
N ALA B 125 -22.38 -0.06 -6.08
CA ALA B 125 -22.14 -1.36 -5.46
C ALA B 125 -21.27 -2.26 -6.34
N PRO B 126 -20.74 -3.45 -5.96
CA PRO B 126 -19.95 -4.26 -6.84
C PRO B 126 -20.75 -5.12 -7.86
N SER B 127 -20.02 -5.82 -8.75
CA SER B 127 -20.54 -6.81 -9.69
C SER B 127 -19.67 -8.04 -9.36
N VAL B 128 -20.27 -9.06 -8.74
CA VAL B 128 -19.51 -10.22 -8.26
C VAL B 128 -19.70 -11.26 -9.32
N TYR B 129 -18.64 -11.60 -10.03
CA TYR B 129 -18.75 -12.63 -11.04
C TYR B 129 -18.04 -13.93 -10.61
N PRO B 130 -18.75 -15.08 -10.58
CA PRO B 130 -18.18 -16.38 -10.24
C PRO B 130 -17.31 -16.90 -11.38
N LEU B 131 -16.03 -17.13 -11.10
CA LEU B 131 -15.08 -17.55 -12.11
C LEU B 131 -14.57 -18.97 -11.89
N ALA B 132 -15.27 -19.90 -12.54
CA ALA B 132 -14.94 -21.32 -12.60
C ALA B 132 -14.22 -21.61 -13.93
N PRO B 133 -13.28 -22.56 -14.00
CA PRO B 133 -12.52 -22.87 -15.22
C PRO B 133 -13.37 -23.67 -16.18
N VAL B 134 -13.13 -23.86 -17.49
CA VAL B 134 -13.82 -24.98 -18.11
C VAL B 134 -12.90 -26.21 -17.84
N CYS B 135 -13.00 -26.39 -16.52
CA CYS B 135 -12.36 -27.22 -15.52
C CYS B 135 -10.92 -27.74 -15.62
N GLY B 136 -10.11 -26.89 -15.00
CA GLY B 136 -8.71 -27.10 -14.94
C GLY B 136 -8.23 -27.44 -13.54
N ASP B 137 -7.80 -28.68 -13.47
CA ASP B 137 -7.00 -29.10 -12.36
C ASP B 137 -5.64 -28.37 -12.35
N THR B 138 -5.36 -27.61 -11.27
CA THR B 138 -4.10 -26.85 -11.15
C THR B 138 -2.81 -27.57 -10.64
N THR B 139 -2.51 -27.59 -9.33
CA THR B 139 -1.40 -28.35 -8.70
C THR B 139 -1.84 -29.78 -8.27
N GLY B 140 -0.97 -30.80 -8.04
CA GLY B 140 -1.41 -32.13 -7.57
C GLY B 140 -2.54 -32.61 -8.48
N SER B 141 -3.73 -32.82 -7.98
CA SER B 141 -4.84 -32.64 -8.86
C SER B 141 -5.68 -31.79 -7.96
N SER B 142 -5.51 -30.50 -8.27
CA SER B 142 -6.22 -29.47 -7.59
C SER B 142 -7.11 -28.82 -8.62
N VAL B 143 -7.75 -27.68 -8.31
CA VAL B 143 -8.54 -26.87 -9.23
C VAL B 143 -8.58 -25.44 -8.74
N THR B 144 -8.15 -24.48 -9.55
CA THR B 144 -8.32 -23.10 -9.17
C THR B 144 -9.69 -22.54 -9.52
N LEU B 145 -10.29 -21.90 -8.50
CA LEU B 145 -11.56 -21.18 -8.62
C LEU B 145 -11.36 -19.67 -8.37
N GLY B 146 -12.34 -18.78 -8.53
CA GLY B 146 -12.00 -17.37 -8.48
C GLY B 146 -13.17 -16.44 -8.52
N CYS B 147 -12.99 -15.21 -8.04
CA CYS B 147 -14.10 -14.28 -8.00
C CYS B 147 -13.49 -12.94 -8.30
N LEU B 148 -14.26 -12.16 -9.06
CA LEU B 148 -13.91 -10.85 -9.52
C LEU B 148 -15.06 -9.88 -9.17
N VAL B 149 -14.62 -8.78 -8.50
CA VAL B 149 -15.52 -7.77 -7.98
C VAL B 149 -15.11 -6.48 -8.64
N LYS B 150 -16.00 -6.23 -9.56
CA LYS B 150 -15.89 -5.15 -10.48
C LYS B 150 -16.75 -3.97 -10.05
N GLY B 151 -16.30 -2.75 -10.19
CA GLY B 151 -17.24 -1.65 -10.19
C GLY B 151 -17.89 -1.20 -8.91
N TYR B 152 -17.17 -1.30 -7.77
CA TYR B 152 -17.65 -0.75 -6.51
C TYR B 152 -16.93 0.55 -6.10
N PHE B 153 -17.60 1.49 -5.45
CA PHE B 153 -16.99 2.67 -4.83
C PHE B 153 -17.81 2.96 -3.57
N PRO B 154 -17.30 3.37 -2.39
CA PRO B 154 -15.92 3.63 -2.03
C PRO B 154 -15.05 2.46 -1.70
N GLU B 155 -14.83 2.11 -0.44
CA GLU B 155 -14.07 0.95 0.02
C GLU B 155 -14.64 0.61 1.41
N PRO B 156 -14.52 -0.61 1.94
CA PRO B 156 -13.90 -1.71 1.24
C PRO B 156 -15.03 -2.62 0.83
N VAL B 157 -14.66 -3.67 0.12
CA VAL B 157 -15.49 -4.83 0.05
C VAL B 157 -14.69 -5.76 0.95
N THR B 158 -15.20 -6.94 1.17
CA THR B 158 -14.52 -7.92 1.96
C THR B 158 -14.91 -9.22 1.26
N LEU B 159 -13.95 -10.13 0.91
CA LEU B 159 -14.23 -11.32 0.07
C LEU B 159 -13.90 -12.72 0.63
N THR B 160 -14.85 -13.52 1.12
CA THR B 160 -14.49 -14.84 1.63
C THR B 160 -14.94 -16.00 0.73
N TRP B 161 -14.46 -17.20 1.09
CA TRP B 161 -14.86 -18.43 0.43
C TRP B 161 -15.38 -19.29 1.51
N ASN B 162 -16.59 -19.81 1.25
CA ASN B 162 -17.46 -20.51 2.20
C ASN B 162 -17.38 -19.79 3.56
N SER B 163 -17.61 -18.49 3.64
CA SER B 163 -17.64 -17.77 4.91
C SER B 163 -16.35 -17.83 5.72
N GLY B 164 -15.22 -17.89 5.06
CA GLY B 164 -13.99 -17.94 5.78
C GLY B 164 -13.71 -19.37 6.17
N SER B 165 -14.66 -20.32 5.99
CA SER B 165 -14.41 -21.72 6.34
C SER B 165 -13.30 -22.20 5.43
N LEU B 166 -13.34 -21.69 4.20
CA LEU B 166 -12.25 -21.97 3.32
C LEU B 166 -11.35 -20.77 3.43
N SER B 167 -10.26 -21.07 4.09
CA SER B 167 -9.22 -20.10 4.31
C SER B 167 -8.04 -20.48 3.48
N SER B 168 -7.88 -21.76 3.18
CA SER B 168 -6.75 -22.18 2.38
C SER B 168 -7.08 -22.14 0.91
N GLY B 169 -5.98 -22.10 0.21
CA GLY B 169 -6.00 -22.07 -1.20
C GLY B 169 -5.92 -20.63 -1.58
N VAL B 170 -6.73 -19.77 -0.94
CA VAL B 170 -6.96 -18.42 -1.45
C VAL B 170 -5.93 -17.33 -1.24
N HIS B 171 -5.70 -16.65 -2.36
CA HIS B 171 -4.96 -15.43 -2.42
C HIS B 171 -6.05 -14.41 -2.71
N THR B 172 -6.04 -13.18 -2.22
CA THR B 172 -6.95 -12.16 -2.68
C THR B 172 -6.09 -10.95 -2.94
N PHE B 173 -6.13 -10.68 -4.22
CA PHE B 173 -5.41 -9.62 -4.85
C PHE B 173 -6.08 -8.34 -4.40
N PRO B 174 -5.28 -7.36 -4.00
CA PRO B 174 -5.80 -6.11 -3.53
C PRO B 174 -6.78 -5.42 -4.45
N ALA B 175 -7.56 -4.48 -3.84
CA ALA B 175 -8.39 -3.55 -4.58
C ALA B 175 -7.42 -2.65 -5.38
N VAL B 176 -7.91 -2.22 -6.54
CA VAL B 176 -7.20 -1.44 -7.56
C VAL B 176 -8.33 -0.66 -8.23
N LEU B 177 -8.11 0.39 -8.99
CA LEU B 177 -9.27 1.16 -9.43
C LEU B 177 -9.33 1.37 -10.92
N GLN B 178 -10.37 0.77 -11.54
CA GLN B 178 -10.70 1.01 -12.97
C GLN B 178 -11.44 2.37 -13.16
N SER B 179 -12.61 2.51 -13.80
CA SER B 179 -13.25 3.82 -14.01
C SER B 179 -13.42 4.67 -12.74
N ASP B 180 -12.36 5.22 -12.12
CA ASP B 180 -12.38 5.68 -10.72
C ASP B 180 -13.24 4.90 -9.65
N LEU B 181 -13.49 3.60 -9.92
CA LEU B 181 -14.19 2.61 -9.10
C LEU B 181 -13.25 1.44 -8.96
N TYR B 182 -13.47 0.49 -8.07
CA TYR B 182 -12.43 -0.47 -7.80
C TYR B 182 -12.67 -1.83 -8.38
N THR B 183 -11.64 -2.69 -8.24
CA THR B 183 -11.67 -4.07 -8.66
C THR B 183 -10.81 -4.89 -7.66
N LEU B 184 -11.29 -6.07 -7.30
CA LEU B 184 -10.61 -7.01 -6.41
C LEU B 184 -10.88 -8.41 -6.98
N SER B 185 -9.97 -9.36 -6.72
CA SER B 185 -10.13 -10.72 -7.16
C SER B 185 -9.42 -11.71 -6.24
N SER B 186 -9.87 -12.97 -6.19
CA SER B 186 -9.19 -13.99 -5.40
C SER B 186 -9.28 -15.34 -6.06
N SER B 187 -8.37 -16.21 -5.71
CA SER B 187 -8.36 -17.54 -6.21
C SER B 187 -8.51 -18.50 -5.06
N VAL B 188 -9.65 -19.13 -4.74
CA VAL B 188 -9.63 -20.21 -3.74
C VAL B 188 -9.17 -21.47 -4.44
N THR B 189 -8.24 -22.20 -3.86
CA THR B 189 -7.86 -23.43 -4.52
C THR B 189 -8.12 -24.61 -3.62
N VAL B 190 -8.71 -25.63 -4.23
CA VAL B 190 -9.00 -26.87 -3.54
C VAL B 190 -8.56 -28.02 -4.43
N THR B 191 -8.34 -29.20 -3.87
CA THR B 191 -8.05 -30.37 -4.70
C THR B 191 -9.31 -30.97 -5.30
N SER B 192 -9.34 -30.86 -6.64
CA SER B 192 -10.40 -31.28 -7.56
C SER B 192 -11.67 -31.69 -6.84
N SER B 193 -11.88 -33.01 -6.60
CA SER B 193 -13.04 -33.65 -5.93
C SER B 193 -13.94 -32.83 -4.96
N THR B 194 -13.33 -31.97 -4.10
CA THR B 194 -14.06 -30.93 -3.36
C THR B 194 -14.98 -30.20 -4.37
N TRP B 195 -14.40 -29.53 -5.36
CA TRP B 195 -15.22 -28.99 -6.41
C TRP B 195 -15.27 -29.99 -7.59
N PRO B 196 -16.42 -30.27 -8.26
CA PRO B 196 -17.76 -29.72 -8.03
C PRO B 196 -18.65 -30.39 -7.01
N SER B 197 -18.14 -31.31 -6.19
CA SER B 197 -18.99 -32.15 -5.32
C SER B 197 -19.55 -31.44 -4.07
N GLN B 198 -18.57 -30.87 -3.36
CA GLN B 198 -18.63 -30.06 -2.16
C GLN B 198 -18.77 -28.58 -2.62
N SER B 199 -19.68 -27.85 -2.01
CA SER B 199 -19.91 -26.46 -2.30
C SER B 199 -18.65 -25.65 -2.12
N ILE B 200 -18.44 -24.77 -3.09
CA ILE B 200 -17.52 -23.70 -2.95
C ILE B 200 -18.35 -22.58 -3.51
N THR B 201 -18.40 -21.48 -2.74
CA THR B 201 -19.16 -20.25 -2.94
C THR B 201 -18.33 -19.03 -2.48
N CYS B 202 -18.31 -17.97 -3.28
CA CYS B 202 -17.63 -16.68 -3.04
C CYS B 202 -18.53 -15.71 -2.32
N ASN B 203 -18.30 -15.24 -1.13
CA ASN B 203 -19.28 -14.32 -0.56
C ASN B 203 -18.65 -12.96 -0.64
N VAL B 204 -19.42 -11.92 -0.91
CA VAL B 204 -18.86 -10.59 -0.99
C VAL B 204 -19.75 -9.56 -0.34
N ALA B 205 -19.06 -8.82 0.50
CA ALA B 205 -19.66 -7.75 1.26
C ALA B 205 -19.11 -6.41 0.82
N HIS B 206 -19.95 -5.48 0.40
CA HIS B 206 -19.59 -4.09 0.17
C HIS B 206 -20.50 -3.32 1.12
N PRO B 207 -19.96 -3.00 2.29
CA PRO B 207 -20.63 -2.25 3.32
C PRO B 207 -21.10 -0.83 2.95
N ALA B 208 -20.56 -0.05 2.01
CA ALA B 208 -21.08 1.32 1.79
C ALA B 208 -22.37 1.41 0.94
N SER B 209 -22.71 0.29 0.27
CA SER B 209 -23.92 0.21 -0.57
C SER B 209 -24.95 -0.76 0.00
N SER B 210 -24.53 -1.38 1.13
CA SER B 210 -25.25 -2.39 1.86
C SER B 210 -25.33 -3.68 1.08
N THR B 211 -24.26 -4.12 0.40
CA THR B 211 -24.48 -5.31 -0.38
C THR B 211 -23.70 -6.45 0.19
N LYS B 212 -24.41 -7.39 0.73
CA LYS B 212 -23.77 -8.68 0.86
C LYS B 212 -24.38 -9.42 -0.33
N VAL B 213 -23.59 -10.27 -0.94
CA VAL B 213 -23.94 -11.04 -2.11
C VAL B 213 -23.07 -12.27 -1.99
N ASP B 214 -23.39 -13.42 -2.55
CA ASP B 214 -22.56 -14.62 -2.45
C ASP B 214 -22.70 -15.30 -3.82
N LYS B 215 -21.64 -15.86 -4.44
CA LYS B 215 -21.73 -16.47 -5.77
C LYS B 215 -21.13 -17.86 -5.81
N LYS B 216 -22.00 -18.80 -6.18
CA LYS B 216 -21.60 -20.20 -6.22
C LYS B 216 -20.82 -20.48 -7.47
N ILE B 217 -19.62 -21.00 -7.31
CA ILE B 217 -18.82 -21.40 -8.45
C ILE B 217 -19.41 -22.75 -8.86
N GLU B 218 -19.51 -23.00 -10.15
CA GLU B 218 -20.47 -23.97 -10.61
C GLU B 218 -20.23 -24.41 -12.05
N PRO B 219 -20.29 -25.71 -12.50
CA PRO B 219 -20.16 -26.07 -13.92
C PRO B 219 -21.57 -25.74 -14.46
N ARG B 220 -22.51 -26.69 -14.38
CA ARG B 220 -23.92 -26.46 -14.69
C ARG B 220 -24.74 -27.14 -13.58
N TYR C 1 7.22 31.95 25.58
CA TYR C 1 8.36 31.81 24.69
C TYR C 1 8.13 30.69 23.69
N ASP C 2 7.42 31.13 22.65
CA ASP C 2 7.17 30.21 21.57
C ASP C 2 8.50 30.04 20.82
N VAL C 3 8.86 28.80 20.72
CA VAL C 3 10.14 28.58 20.15
C VAL C 3 10.06 28.15 18.71
N PRO C 4 10.84 28.72 17.81
CA PRO C 4 10.88 28.33 16.42
C PRO C 4 11.22 26.84 16.35
N ASP C 5 10.58 26.15 15.40
CA ASP C 5 10.81 24.77 15.13
C ASP C 5 12.27 24.50 14.80
N TYR C 6 12.90 23.39 15.20
CA TYR C 6 14.32 23.18 14.91
C TYR C 6 14.68 22.98 13.46
N ALA C 7 13.65 22.71 12.67
CA ALA C 7 13.87 22.64 11.25
C ALA C 7 13.54 23.97 10.51
N SER C 8 13.37 25.08 11.26
CA SER C 8 13.07 26.37 10.70
C SER C 8 14.37 27.06 10.36
#